data_8GTG
#
_entry.id   8GTG
#
_cell.length_a   95.660
_cell.length_b   70.650
_cell.length_c   86.750
_cell.angle_alpha   90.000
_cell.angle_beta   97.820
_cell.angle_gamma   90.000
#
_symmetry.space_group_name_H-M   'C 1 2 1'
#
loop_
_entity.id
_entity.type
_entity.pdbx_description
1 polymer 'Isoform CRF-R2 of Corticotropin-releasing factor receptor 1'
2 polymer Endolysin
3 non-polymer 8-(4-bromanyl-2,6-dimethoxy-phenyl)-~{N},~{N}-bis(2-methoxyethyl)-2,7-dimethyl-pyrazolo[1,5-a][1,3,5]triazin-4-amine
#
loop_
_entity_poly.entity_id
_entity_poly.type
_entity_poly.pdbx_seq_one_letter_code
_entity_poly.pdbx_strand_id
1 'polypeptide(L)'
;MEILNEEKKSKVHYHVAAIINYLGHCISLVALLVAFVLFLRARSIRCLRNIIHANLIAAFILRNATWFVVQLTMSPEVHQ
SNVGWCRLVTAAYNYFHVTNFFWMFGEGCYLHTAIVLTYSTDRLRAWMFICIGWGVPFPIIVAWAIGKLYYDNEKCWAGK
RPGVYTDYIYQGPMALVLLINFIFLFNIVRILMTKLRASTTSETIQARKAVKATLVLLPLLGITYMLAFVNPGEDEVSRV
VFIYFNAFLESFQGFFVSVFACFLNSEVRSAAAAHHHHHHHHHH
;
A
2 'polypeptide(L)'
;NIFEMLRIDEGLRLKIYKDTEGYYTIGIGHLLTKSPSLSVAKSELDKAIGRNSNGVITKDEAEKLFNQDVDAAVRGILRN
AKLKPVYDSLDAVRRSALINMVFQMGETGVAGFTNSLRMLQQKRWDEAAVNLAKSRWYNQTPNRAKRVIATFRTGTWDAY
;
B
#
loop_
_chem_comp.id
_chem_comp.type
_chem_comp.name
_chem_comp.formula
CW9 non-polymer 8-(4-bromanyl-2,6-dimethoxy-phenyl)-~{N},~{N}-bis(2-methoxyethyl)-2,7-dimethyl-pyrazolo[1,5-a][1,3,5]triazin-4-amine 'C21 H28 Br N5 O4'
#
# COMPACT_ATOMS: atom_id res chain seq x y z
N MET A 1 27.39 -38.94 33.02
CA MET A 1 28.43 -38.47 33.91
C MET A 1 28.64 -36.98 33.67
N GLU A 2 29.88 -36.55 33.42
CA GLU A 2 30.09 -35.15 33.05
C GLU A 2 29.33 -34.82 31.77
N ILE A 3 29.17 -35.80 30.88
CA ILE A 3 28.33 -35.59 29.69
C ILE A 3 26.92 -35.18 30.10
N LEU A 4 26.38 -35.82 31.15
CA LEU A 4 25.03 -35.50 31.60
C LEU A 4 24.96 -34.10 32.21
N ASN A 5 26.01 -33.69 32.94
CA ASN A 5 26.04 -32.34 33.48
C ASN A 5 26.10 -31.29 32.36
N GLU A 6 26.84 -31.59 31.29
CA GLU A 6 26.82 -30.71 30.12
C GLU A 6 25.44 -30.69 29.48
N GLU A 7 24.77 -31.85 29.41
CA GLU A 7 23.42 -31.90 28.86
C GLU A 7 22.44 -31.08 29.71
N LYS A 8 22.56 -31.14 31.04
CA LYS A 8 21.65 -30.36 31.89
C LYS A 8 21.92 -28.86 31.77
N LYS A 9 23.18 -28.45 31.54
CA LYS A 9 23.48 -27.03 31.41
C LYS A 9 22.85 -26.44 30.15
N SER A 10 22.72 -27.24 29.08
CA SER A 10 22.10 -26.75 27.86
C SER A 10 20.58 -26.66 27.96
N LYS A 11 19.97 -27.54 28.76
CA LYS A 11 18.51 -27.50 28.90
C LYS A 11 18.07 -26.24 29.64
N VAL A 12 18.87 -25.79 30.60
CA VAL A 12 18.51 -24.59 31.35
C VAL A 12 18.57 -23.35 30.45
N HIS A 13 19.63 -23.25 29.64
CA HIS A 13 19.79 -22.12 28.71
C HIS A 13 18.71 -22.11 27.64
N TYR A 14 18.35 -23.29 27.10
CA TYR A 14 17.21 -23.38 26.19
C TYR A 14 15.92 -22.97 26.89
N HIS A 15 15.74 -23.36 28.15
CA HIS A 15 14.58 -22.94 28.91
C HIS A 15 14.59 -21.43 29.13
N VAL A 16 15.79 -20.84 29.27
CA VAL A 16 15.91 -19.38 29.34
C VAL A 16 15.56 -18.74 28.00
N ALA A 17 16.11 -19.25 26.90
CA ALA A 17 15.73 -18.75 25.59
C ALA A 17 14.22 -18.81 25.41
N ALA A 18 13.59 -19.91 25.87
CA ALA A 18 12.16 -20.07 25.75
C ALA A 18 11.39 -19.03 26.55
N ILE A 19 11.94 -18.61 27.70
CA ILE A 19 11.29 -17.58 28.49
C ILE A 19 11.38 -16.21 27.80
N ILE A 20 12.54 -15.90 27.20
CA ILE A 20 12.68 -14.64 26.47
C ILE A 20 11.70 -14.58 25.32
N ASN A 21 11.52 -15.70 24.62
CA ASN A 21 10.61 -15.73 23.48
C ASN A 21 9.16 -15.55 23.91
N TYR A 22 8.75 -16.15 25.03
CA TYR A 22 7.35 -16.05 25.44
C TYR A 22 7.01 -14.62 25.90
N LEU A 23 7.93 -13.97 26.63
CA LEU A 23 7.71 -12.63 27.16
C LEU A 23 7.78 -11.58 26.05
N GLY A 24 8.74 -11.73 25.13
CA GLY A 24 8.79 -10.85 23.97
C GLY A 24 7.55 -10.94 23.11
N HIS A 25 6.97 -12.14 23.00
CA HIS A 25 5.76 -12.30 22.20
C HIS A 25 4.52 -11.73 22.89
N CYS A 26 4.43 -11.83 24.22
CA CYS A 26 3.33 -11.17 24.94
C CYS A 26 3.42 -9.65 24.82
N ILE A 27 4.61 -9.09 25.00
CA ILE A 27 4.76 -7.64 24.91
C ILE A 27 4.47 -7.17 23.50
N SER A 28 5.00 -7.89 22.50
CA SER A 28 4.70 -7.54 21.11
C SER A 28 3.21 -7.55 20.84
N LEU A 29 2.49 -8.56 21.34
CA LEU A 29 1.07 -8.68 21.02
C LEU A 29 0.26 -7.53 21.63
N VAL A 30 0.50 -7.21 22.91
CA VAL A 30 -0.20 -6.10 23.55
C VAL A 30 0.09 -4.81 22.79
N ALA A 31 1.36 -4.57 22.46
CA ALA A 31 1.77 -3.37 21.74
C ALA A 31 1.03 -3.24 20.41
N LEU A 32 0.99 -4.30 19.63
CA LEU A 32 0.27 -4.24 18.36
C LEU A 32 -1.20 -3.89 18.57
N LEU A 33 -1.80 -4.46 19.61
CA LEU A 33 -3.20 -4.18 19.92
C LEU A 33 -3.42 -2.70 20.28
N VAL A 34 -2.55 -2.16 21.13
CA VAL A 34 -2.67 -0.77 21.54
C VAL A 34 -2.50 0.15 20.36
N ALA A 35 -1.57 -0.19 19.45
CA ALA A 35 -1.45 0.57 18.21
C ALA A 35 -2.70 0.42 17.37
N PHE A 36 -3.24 -0.80 17.29
CA PHE A 36 -4.38 -1.05 16.44
C PHE A 36 -5.60 -0.24 16.86
N VAL A 37 -5.87 -0.15 18.17
CA VAL A 37 -7.04 0.61 18.63
C VAL A 37 -6.81 2.12 18.49
N LEU A 38 -5.57 2.58 18.66
CA LEU A 38 -5.28 3.99 18.43
C LEU A 38 -5.56 4.39 16.99
N PHE A 39 -5.29 3.51 16.04
CA PHE A 39 -5.53 3.85 14.62
C PHE A 39 -7.02 3.90 14.30
N LEU A 40 -7.82 3.02 14.90
CA LEU A 40 -9.23 2.83 14.56
C LEU A 40 -10.11 3.93 15.11
N ARG A 41 -9.68 4.52 16.23
CA ARG A 41 -10.40 5.64 16.82
C ARG A 41 -10.26 6.90 15.97
N ALA A 42 -9.10 7.08 15.33
CA ALA A 42 -8.85 8.28 14.53
C ALA A 42 -9.84 8.41 13.37
N ARG A 43 -10.31 9.64 13.16
CA ARG A 43 -11.10 9.96 11.96
C ARG A 43 -10.23 10.00 10.72
N SER A 44 -8.91 9.94 10.87
CA SER A 44 -7.96 9.81 9.77
C SER A 44 -7.85 8.37 9.27
N ILE A 45 -8.64 7.45 9.83
CA ILE A 45 -8.70 6.07 9.36
C ILE A 45 -9.32 5.99 7.98
N ARG A 46 -9.91 7.09 7.48
CA ARG A 46 -10.44 7.15 6.13
C ARG A 46 -9.35 7.41 5.08
N CYS A 47 -8.25 8.08 5.48
CA CYS A 47 -7.07 8.22 4.62
C CYS A 47 -6.57 6.86 4.15
N LEU A 48 -6.29 6.75 2.86
CA LEU A 48 -5.75 5.50 2.35
C LEU A 48 -4.55 5.05 3.17
N ARG A 49 -3.66 5.98 3.50
CA ARG A 49 -2.41 5.59 4.14
C ARG A 49 -2.68 4.91 5.49
N ASN A 50 -3.65 5.40 6.25
CA ASN A 50 -3.97 4.77 7.53
C ASN A 50 -4.72 3.48 7.33
N ILE A 51 -5.42 3.32 6.20
CA ILE A 51 -5.99 2.02 5.84
C ILE A 51 -4.86 1.01 5.70
N ILE A 52 -3.78 1.42 5.03
CA ILE A 52 -2.63 0.54 4.82
C ILE A 52 -1.96 0.18 6.15
N HIS A 53 -1.81 1.18 7.04
CA HIS A 53 -1.20 0.94 8.34
C HIS A 53 -2.02 -0.06 9.18
N ALA A 54 -3.35 0.15 9.25
CA ALA A 54 -4.19 -0.71 10.07
C ALA A 54 -4.15 -2.16 9.57
N ASN A 55 -4.05 -2.37 8.26
CA ASN A 55 -3.99 -3.73 7.75
C ASN A 55 -2.65 -4.39 8.01
N LEU A 56 -1.55 -3.62 7.94
CA LEU A 56 -0.26 -4.15 8.35
C LEU A 56 -0.27 -4.60 9.82
N ILE A 57 -0.74 -3.74 10.73
CA ILE A 57 -0.80 -4.09 12.16
C ILE A 57 -1.63 -5.34 12.38
N ALA A 58 -2.81 -5.38 11.75
CA ALA A 58 -3.68 -6.55 11.87
C ALA A 58 -2.96 -7.81 11.41
N ALA A 59 -2.25 -7.72 10.29
CA ALA A 59 -1.52 -8.86 9.74
C ALA A 59 -0.50 -9.42 10.75
N PHE A 60 0.16 -8.53 11.51
CA PHE A 60 1.16 -8.93 12.49
C PHE A 60 0.48 -9.41 13.78
N ILE A 61 -0.74 -8.97 14.04
CA ILE A 61 -1.50 -9.50 15.15
C ILE A 61 -1.82 -10.98 14.91
N LEU A 62 -2.37 -11.29 13.74
CA LEU A 62 -2.78 -12.67 13.53
C LEU A 62 -1.59 -13.60 13.62
N ARG A 63 -0.45 -13.18 13.04
CA ARG A 63 0.77 -13.97 13.11
C ARG A 63 1.21 -14.19 14.55
N ASN A 64 1.36 -13.12 15.33
CA ASN A 64 1.78 -13.33 16.71
C ASN A 64 0.73 -14.08 17.52
N ALA A 65 -0.54 -13.92 17.17
CA ALA A 65 -1.55 -14.71 17.87
C ALA A 65 -1.34 -16.19 17.60
N THR A 66 -1.14 -16.56 16.32
CA THR A 66 -1.11 -17.98 16.01
C THR A 66 0.23 -18.59 16.41
N TRP A 67 1.24 -17.77 16.72
CA TRP A 67 2.50 -18.29 17.25
C TRP A 67 2.26 -19.04 18.55
N PHE A 68 1.31 -18.57 19.35
CA PHE A 68 0.99 -19.27 20.58
C PHE A 68 0.42 -20.66 20.29
N VAL A 69 -0.52 -20.74 19.35
CA VAL A 69 -1.06 -22.05 19.02
C VAL A 69 0.02 -22.95 18.44
N VAL A 70 1.00 -22.36 17.75
CA VAL A 70 2.09 -23.15 17.15
C VAL A 70 2.95 -23.81 18.21
N GLN A 71 3.23 -23.09 19.32
CA GLN A 71 4.03 -23.66 20.39
C GLN A 71 3.39 -24.94 20.92
N LEU A 72 2.07 -24.95 21.02
CA LEU A 72 1.34 -26.16 21.41
C LEU A 72 1.44 -27.26 20.35
N THR A 73 1.80 -26.90 19.10
CA THR A 73 2.05 -27.87 18.04
C THR A 73 3.39 -28.59 18.19
N MET A 74 4.34 -27.96 18.87
CA MET A 74 5.72 -28.41 18.88
C MET A 74 5.96 -29.52 19.92
N SER A 75 4.90 -29.99 20.58
CA SER A 75 4.99 -31.21 21.36
C SER A 75 5.38 -32.35 20.42
N PRO A 76 6.32 -33.21 20.83
CA PRO A 76 6.86 -34.24 19.91
C PRO A 76 5.85 -35.34 19.59
N GLU A 77 4.94 -35.64 20.51
CA GLU A 77 3.84 -36.56 20.22
C GLU A 77 2.89 -35.97 19.20
N VAL A 78 2.57 -34.68 19.33
CA VAL A 78 1.80 -33.99 18.30
C VAL A 78 2.59 -33.90 17.00
N HIS A 79 3.89 -33.57 17.08
CA HIS A 79 4.70 -33.39 15.87
C HIS A 79 4.66 -34.63 14.97
N GLN A 80 4.88 -35.81 15.54
CA GLN A 80 4.86 -37.06 14.77
C GLN A 80 3.43 -37.45 14.34
N SER A 81 2.39 -37.02 15.08
CA SER A 81 1.04 -37.55 14.82
C SER A 81 0.41 -37.01 13.54
N ASN A 82 0.83 -35.82 13.06
CA ASN A 82 0.38 -35.28 11.77
C ASN A 82 -1.14 -35.09 11.73
N VAL A 83 -1.72 -34.59 12.82
CA VAL A 83 -3.17 -34.42 12.88
C VAL A 83 -3.62 -33.35 11.89
N GLY A 84 -4.88 -33.43 11.47
CA GLY A 84 -5.38 -32.46 10.52
C GLY A 84 -5.26 -31.05 11.03
N TRP A 85 -5.69 -30.80 12.27
CA TRP A 85 -5.65 -29.44 12.79
C TRP A 85 -4.21 -28.97 12.94
N CYS A 86 -3.28 -29.92 13.01
CA CYS A 86 -1.85 -29.62 13.17
C CYS A 86 -1.25 -29.09 11.88
N ARG A 87 -1.61 -29.66 10.72
CA ARG A 87 -1.15 -29.13 9.44
C ARG A 87 -1.87 -27.82 9.11
N LEU A 88 -3.16 -27.75 9.42
CA LEU A 88 -3.98 -26.55 9.26
C LEU A 88 -3.44 -25.38 10.08
N VAL A 89 -2.98 -25.66 11.30
CA VAL A 89 -2.35 -24.62 12.10
C VAL A 89 -1.03 -24.16 11.48
N THR A 90 -0.28 -25.08 10.84
CA THR A 90 1.01 -24.69 10.27
C THR A 90 0.81 -23.84 9.02
N ALA A 91 -0.15 -24.21 8.16
CA ALA A 91 -0.44 -23.41 6.98
C ALA A 91 -1.01 -22.03 7.36
N ALA A 92 -1.77 -21.95 8.46
CA ALA A 92 -2.24 -20.66 8.91
C ALA A 92 -1.07 -19.76 9.27
N TYR A 93 -0.10 -20.30 10.00
CA TYR A 93 1.05 -19.49 10.40
C TYR A 93 1.87 -19.10 9.18
N ASN A 94 2.00 -20.01 8.21
CA ASN A 94 2.75 -19.68 7.00
C ASN A 94 2.05 -18.61 6.18
N TYR A 95 0.72 -18.73 6.05
CA TYR A 95 -0.07 -17.76 5.30
C TYR A 95 0.10 -16.36 5.88
N PHE A 96 -0.05 -16.23 7.20
CA PHE A 96 0.17 -14.94 7.85
C PHE A 96 1.61 -14.46 7.70
N HIS A 97 2.59 -15.37 7.66
CA HIS A 97 3.96 -14.92 7.42
C HIS A 97 4.13 -14.31 6.03
N VAL A 98 3.52 -14.93 5.03
CA VAL A 98 3.61 -14.35 3.70
C VAL A 98 2.90 -13.00 3.66
N THR A 99 1.74 -12.87 4.29
CA THR A 99 1.04 -11.59 4.22
C THR A 99 1.89 -10.47 4.81
N ASN A 100 2.68 -10.77 5.84
CA ASN A 100 3.54 -9.72 6.42
C ASN A 100 4.54 -9.19 5.38
N PHE A 101 5.00 -10.05 4.47
CA PHE A 101 5.95 -9.62 3.45
C PHE A 101 5.26 -8.79 2.37
N PHE A 102 4.05 -9.17 1.99
CA PHE A 102 3.27 -8.54 0.95
C PHE A 102 2.65 -7.23 1.43
N TRP A 103 2.41 -7.09 2.74
CA TRP A 103 1.94 -5.82 3.29
C TRP A 103 3.07 -4.82 3.50
N MET A 104 4.31 -5.30 3.69
CA MET A 104 5.48 -4.40 3.78
C MET A 104 5.85 -3.90 2.38
N PHE A 105 5.70 -4.78 1.38
CA PHE A 105 5.79 -4.40 -0.03
C PHE A 105 4.69 -3.41 -0.39
N GLY A 106 3.46 -3.63 0.13
CA GLY A 106 2.37 -2.72 -0.17
C GLY A 106 2.68 -1.29 0.26
N GLU A 107 3.21 -1.13 1.46
CA GLU A 107 3.62 0.20 1.92
C GLU A 107 4.63 0.81 0.95
N GLY A 108 5.55 -0.01 0.43
CA GLY A 108 6.51 0.45 -0.56
C GLY A 108 5.91 0.82 -1.90
N CYS A 109 4.86 0.11 -2.34
CA CYS A 109 4.12 0.53 -3.53
C CYS A 109 3.46 1.91 -3.33
N TYR A 110 2.83 2.14 -2.17
CA TYR A 110 2.14 3.40 -1.94
C TYR A 110 3.11 4.59 -1.96
N LEU A 111 4.27 4.44 -1.31
CA LEU A 111 5.23 5.54 -1.16
C LEU A 111 5.92 5.91 -2.48
N HIS A 112 6.16 4.94 -3.35
CA HIS A 112 6.72 5.25 -4.65
C HIS A 112 5.67 5.93 -5.54
N THR A 113 4.39 5.52 -5.39
CA THR A 113 3.31 6.12 -6.19
C THR A 113 2.95 7.52 -5.68
N ALA A 114 2.88 7.67 -4.35
CA ALA A 114 2.49 8.95 -3.76
C ALA A 114 3.46 10.08 -4.11
N ILE A 115 4.75 9.77 -4.30
CA ILE A 115 5.71 10.82 -4.66
C ILE A 115 5.82 11.06 -6.16
N VAL A 116 5.05 10.33 -6.98
CA VAL A 116 5.14 10.45 -8.42
C VAL A 116 3.83 10.87 -9.06
N LEU A 117 2.68 10.47 -8.50
CA LEU A 117 1.38 10.82 -9.03
C LEU A 117 0.62 11.59 -7.96
N THR A 118 0.08 12.75 -8.36
CA THR A 118 -0.68 13.56 -7.43
C THR A 118 -1.89 12.77 -7.00
N ASP A 122 -10.26 7.61 -1.55
CA ASP A 122 -9.28 6.67 -0.99
C ASP A 122 -9.92 5.25 -0.83
N ARG A 123 -11.21 5.20 -0.47
CA ARG A 123 -11.87 3.92 -0.19
C ARG A 123 -11.85 2.99 -1.41
N LEU A 124 -11.69 3.53 -2.62
CA LEU A 124 -11.67 2.67 -3.81
C LEU A 124 -10.27 2.14 -4.14
N ARG A 125 -9.24 2.98 -4.01
CA ARG A 125 -7.90 2.58 -4.41
C ARG A 125 -7.35 1.50 -3.48
N ALA A 126 -7.90 1.43 -2.28
CA ALA A 126 -7.39 0.49 -1.25
C ALA A 126 -7.60 -0.97 -1.64
N TRP A 127 -8.58 -1.26 -2.49
CA TRP A 127 -8.90 -2.67 -2.81
C TRP A 127 -7.70 -3.35 -3.47
N MET A 128 -6.92 -2.62 -4.26
CA MET A 128 -5.76 -3.22 -4.96
C MET A 128 -4.72 -3.59 -3.90
N PHE A 129 -4.56 -2.75 -2.89
CA PHE A 129 -3.63 -3.06 -1.77
C PHE A 129 -4.15 -4.26 -0.98
N ILE A 130 -5.46 -4.35 -0.76
CA ILE A 130 -6.07 -5.51 -0.03
C ILE A 130 -5.98 -6.73 -0.92
N CYS A 131 -6.02 -6.52 -2.24
CA CYS A 131 -5.90 -7.67 -3.14
C CYS A 131 -4.48 -8.23 -3.11
N ILE A 132 -3.49 -7.37 -2.85
CA ILE A 132 -2.11 -7.83 -2.83
C ILE A 132 -1.76 -8.39 -1.45
N GLY A 133 -2.19 -7.68 -0.39
CA GLY A 133 -1.81 -8.04 0.96
C GLY A 133 -2.39 -9.36 1.41
N TRP A 134 -3.71 -9.54 1.24
CA TRP A 134 -4.42 -10.74 1.68
C TRP A 134 -4.70 -11.75 0.58
N GLY A 135 -4.71 -11.29 -0.67
CA GLY A 135 -5.25 -12.07 -1.77
C GLY A 135 -4.25 -12.90 -2.52
N VAL A 136 -3.19 -12.27 -2.99
CA VAL A 136 -2.14 -13.01 -3.71
C VAL A 136 -1.58 -14.11 -2.83
N PRO A 137 -1.34 -13.91 -1.53
CA PRO A 137 -0.84 -15.01 -0.69
C PRO A 137 -1.71 -16.28 -0.68
N PHE A 138 -3.03 -16.15 -0.76
CA PHE A 138 -3.88 -17.31 -0.53
C PHE A 138 -3.61 -18.42 -1.54
N PRO A 139 -3.52 -18.15 -2.85
CA PRO A 139 -3.20 -19.21 -3.82
C PRO A 139 -1.79 -19.76 -3.69
N ILE A 140 -0.86 -18.96 -3.15
CA ILE A 140 0.52 -19.42 -2.94
C ILE A 140 0.55 -20.48 -1.83
N ILE A 141 -0.10 -20.19 -0.71
CA ILE A 141 -0.18 -21.17 0.38
C ILE A 141 -0.91 -22.41 -0.10
N VAL A 142 -1.95 -22.24 -0.91
CA VAL A 142 -2.71 -23.38 -1.41
C VAL A 142 -1.83 -24.27 -2.28
N ALA A 143 -1.04 -23.66 -3.15
CA ALA A 143 -0.15 -24.44 -4.00
C ALA A 143 0.92 -25.13 -3.17
N TRP A 144 1.45 -24.43 -2.18
CA TRP A 144 2.34 -25.05 -1.20
C TRP A 144 1.70 -26.27 -0.57
N ALA A 145 0.44 -26.16 -0.19
CA ALA A 145 -0.22 -27.24 0.54
C ALA A 145 -0.39 -28.47 -0.34
N ILE A 146 -0.81 -28.28 -1.58
CA ILE A 146 -0.96 -29.44 -2.47
C ILE A 146 0.39 -30.10 -2.64
N GLY A 147 1.45 -29.31 -2.62
CA GLY A 147 2.79 -29.88 -2.71
C GLY A 147 3.19 -30.67 -1.49
N LYS A 148 2.82 -30.19 -0.31
CA LYS A 148 3.02 -30.99 0.89
C LYS A 148 2.22 -32.28 0.78
N LEU A 149 0.97 -32.18 0.35
CA LEU A 149 0.08 -33.33 0.35
C LEU A 149 0.57 -34.43 -0.59
N TYR A 150 0.90 -34.09 -1.84
CA TYR A 150 1.31 -35.13 -2.79
C TYR A 150 2.73 -35.64 -2.54
N TYR A 151 3.60 -34.83 -1.91
CA TYR A 151 5.04 -35.12 -1.87
C TYR A 151 5.67 -35.13 -0.46
N ASP A 152 5.19 -34.34 0.51
CA ASP A 152 5.89 -34.16 1.79
C ASP A 152 4.94 -34.15 3.01
N ASN A 153 4.08 -35.16 3.12
CA ASN A 153 3.02 -35.18 4.14
C ASN A 153 3.55 -35.71 5.48
N GLU A 154 4.40 -34.91 6.15
CA GLU A 154 5.03 -35.34 7.39
C GLU A 154 5.24 -34.16 8.33
N LYS A 155 5.55 -34.49 9.59
CA LYS A 155 6.00 -33.53 10.61
C LYS A 155 5.10 -32.29 10.67
N CYS A 156 3.79 -32.52 10.48
CA CYS A 156 2.79 -31.46 10.51
C CYS A 156 3.08 -30.37 9.50
N TRP A 157 3.88 -30.69 8.48
CA TRP A 157 4.34 -29.77 7.44
C TRP A 157 5.41 -28.81 7.94
N ALA A 158 5.86 -28.94 9.19
CA ALA A 158 6.92 -28.13 9.78
C ALA A 158 8.27 -28.82 9.77
N GLY A 159 8.36 -30.00 9.17
CA GLY A 159 9.63 -30.68 9.11
C GLY A 159 10.60 -29.93 8.21
N LYS A 160 11.87 -29.98 8.59
CA LYS A 160 12.95 -29.56 7.71
C LYS A 160 13.68 -30.83 7.26
N ARG A 161 13.84 -30.98 5.94
CA ARG A 161 14.51 -32.14 5.36
C ARG A 161 15.38 -31.71 4.19
N PRO A 162 16.50 -32.38 3.98
CA PRO A 162 17.42 -31.96 2.90
C PRO A 162 16.89 -32.35 1.52
N GLY A 163 17.26 -31.53 0.54
CA GLY A 163 16.84 -31.79 -0.82
C GLY A 163 15.37 -31.55 -1.09
N VAL A 164 14.66 -30.89 -0.19
CA VAL A 164 13.23 -30.65 -0.33
C VAL A 164 13.03 -29.20 -0.74
N TYR A 165 12.46 -28.99 -1.92
CA TYR A 165 12.25 -27.65 -2.42
C TYR A 165 10.82 -27.16 -2.22
N THR A 166 9.97 -27.94 -1.53
CA THR A 166 8.55 -27.59 -1.46
C THR A 166 8.34 -26.21 -0.84
N ASP A 167 9.13 -25.87 0.18
CA ASP A 167 9.01 -24.59 0.88
C ASP A 167 9.39 -23.39 0.01
N TYR A 168 10.01 -23.62 -1.15
CA TYR A 168 10.32 -22.50 -2.03
C TYR A 168 9.07 -21.96 -2.69
N ILE A 169 8.00 -22.74 -2.76
CA ILE A 169 6.76 -22.25 -3.37
C ILE A 169 6.33 -20.97 -2.69
N TYR A 170 6.36 -20.94 -1.37
CA TYR A 170 6.04 -19.70 -0.69
C TYR A 170 7.27 -18.86 -0.34
N GLN A 171 8.45 -19.47 -0.14
CA GLN A 171 9.61 -18.65 0.22
C GLN A 171 10.13 -17.84 -0.96
N GLY A 172 10.07 -18.39 -2.16
CA GLY A 172 10.58 -17.71 -3.33
C GLY A 172 9.90 -16.37 -3.54
N PRO A 173 8.56 -16.35 -3.47
CA PRO A 173 7.84 -15.06 -3.51
C PRO A 173 8.32 -14.06 -2.47
N MET A 174 8.57 -14.48 -1.23
CA MET A 174 8.90 -13.50 -0.20
C MET A 174 10.16 -12.75 -0.60
N ALA A 175 11.13 -13.47 -1.15
CA ALA A 175 12.38 -12.86 -1.59
C ALA A 175 12.17 -11.95 -2.78
N LEU A 176 11.28 -12.35 -3.70
CA LEU A 176 11.05 -11.58 -4.91
C LEU A 176 10.48 -10.19 -4.61
N VAL A 177 9.48 -10.11 -3.71
CA VAL A 177 8.94 -8.77 -3.42
C VAL A 177 9.96 -7.94 -2.67
N LEU A 178 10.80 -8.57 -1.85
CA LEU A 178 11.87 -7.83 -1.19
C LEU A 178 12.86 -7.25 -2.21
N LEU A 179 13.19 -8.02 -3.25
CA LEU A 179 14.03 -7.49 -4.32
C LEU A 179 13.39 -6.24 -4.92
N ILE A 180 12.06 -6.26 -5.11
CA ILE A 180 11.42 -5.14 -5.77
C ILE A 180 11.29 -3.93 -4.84
N ASN A 181 11.25 -4.14 -3.53
CA ASN A 181 11.27 -3.02 -2.61
C ASN A 181 12.64 -2.36 -2.57
N PHE A 182 13.70 -3.08 -2.94
CA PHE A 182 15.01 -2.45 -2.95
C PHE A 182 15.15 -1.49 -4.12
N ILE A 183 14.66 -1.88 -5.29
CA ILE A 183 14.61 -0.97 -6.43
C ILE A 183 13.78 0.27 -6.08
N PHE A 184 12.66 0.09 -5.39
CA PHE A 184 11.83 1.22 -5.00
C PHE A 184 12.60 2.15 -4.05
N LEU A 185 13.35 1.58 -3.10
CA LEU A 185 14.10 2.42 -2.17
C LEU A 185 15.12 3.26 -2.91
N PHE A 186 15.88 2.62 -3.81
CA PHE A 186 16.87 3.33 -4.61
C PHE A 186 16.21 4.40 -5.46
N ASN A 187 14.99 4.17 -5.94
CA ASN A 187 14.33 5.19 -6.78
C ASN A 187 13.79 6.35 -5.93
N ILE A 188 13.27 6.04 -4.74
CA ILE A 188 12.77 7.09 -3.86
C ILE A 188 13.90 8.02 -3.46
N VAL A 189 15.05 7.43 -3.11
CA VAL A 189 16.23 8.19 -2.72
C VAL A 189 16.79 8.96 -3.91
N ARG A 190 16.87 8.29 -5.07
CA ARG A 190 17.30 8.94 -6.31
C ARG A 190 16.43 10.16 -6.61
N ILE A 191 15.11 9.99 -6.53
CA ILE A 191 14.16 11.10 -6.76
C ILE A 191 14.25 12.14 -5.66
N LEU A 192 14.28 11.68 -4.40
CA LEU A 192 14.25 12.62 -3.28
C LEU A 192 15.46 13.54 -3.28
N MET A 193 16.57 13.11 -3.90
CA MET A 193 17.81 13.86 -3.82
C MET A 193 18.04 14.79 -5.01
N THR A 194 17.31 14.61 -6.11
CA THR A 194 17.51 15.44 -7.30
C THR A 194 16.30 16.32 -7.57
N LYS A 195 15.12 15.73 -7.85
CA LYS A 195 14.00 16.53 -8.32
C LYS A 195 13.22 17.12 -7.15
N LEU A 196 12.96 16.30 -6.13
CA LEU A 196 12.28 16.75 -4.92
C LEU A 196 13.25 17.25 -3.86
N ARG A 197 14.41 17.78 -4.27
CA ARG A 197 15.37 18.33 -3.31
C ARG A 197 14.73 19.41 -2.44
N ALA A 198 14.05 20.37 -3.07
CA ALA A 198 13.51 21.54 -2.37
C ALA A 198 12.00 21.50 -2.17
N SER A 199 11.34 20.37 -2.42
CA SER A 199 9.89 20.31 -2.25
C SER A 199 9.50 20.44 -0.79
N THR A 200 8.43 21.19 -0.55
CA THR A 200 7.82 21.28 0.76
C THR A 200 6.37 20.80 0.76
N THR A 201 5.90 20.23 -0.36
CA THR A 201 4.58 19.64 -0.40
C THR A 201 4.46 18.58 0.68
N SER A 202 3.26 18.42 1.22
CA SER A 202 3.11 17.58 2.42
C SER A 202 3.50 16.12 2.16
N GLU A 203 3.30 15.63 0.93
CA GLU A 203 3.70 14.25 0.63
C GLU A 203 5.22 14.08 0.71
N THR A 204 5.99 15.15 0.44
CA THR A 204 7.45 15.05 0.41
C THR A 204 8.06 14.97 1.81
N ILE A 205 7.56 15.77 2.76
CA ILE A 205 8.05 15.69 4.15
C ILE A 205 7.77 14.32 4.73
N GLN A 206 6.57 13.78 4.46
CA GLN A 206 6.26 12.44 4.91
C GLN A 206 7.23 11.42 4.30
N ALA A 207 7.51 11.55 3.00
CA ALA A 207 8.41 10.60 2.36
C ALA A 207 9.78 10.59 3.04
N ARG A 208 10.29 11.77 3.41
CA ARG A 208 11.59 11.84 4.07
C ARG A 208 11.56 11.13 5.42
N LYS A 209 10.48 11.30 6.19
CA LYS A 209 10.38 10.66 7.50
C LYS A 209 10.36 9.13 7.37
N ALA A 210 9.70 8.62 6.32
CA ALA A 210 9.70 7.18 6.08
C ALA A 210 11.10 6.64 5.78
N VAL A 211 11.82 7.27 4.86
CA VAL A 211 13.10 6.74 4.39
C VAL A 211 14.13 6.73 5.52
N LYS A 212 14.06 7.71 6.43
CA LYS A 212 14.89 7.64 7.62
C LYS A 212 14.47 6.47 8.51
N ALA A 213 13.17 6.27 8.71
CA ALA A 213 12.68 5.20 9.57
C ALA A 213 12.95 3.82 8.96
N THR A 214 12.64 3.65 7.68
CA THR A 214 12.93 2.40 6.97
C THR A 214 14.42 2.05 7.00
N LEU A 215 15.30 3.06 7.01
CA LEU A 215 16.72 2.77 7.07
C LEU A 215 17.12 2.20 8.42
N VAL A 216 16.35 2.50 9.47
CA VAL A 216 16.64 2.00 10.81
C VAL A 216 16.02 0.61 11.02
N LEU A 217 14.75 0.46 10.65
CA LEU A 217 14.08 -0.82 10.84
C LEU A 217 14.69 -1.93 9.99
N LEU A 218 15.25 -1.60 8.83
CA LEU A 218 15.70 -2.65 7.91
C LEU A 218 16.84 -3.49 8.49
N PRO A 219 17.92 -2.90 9.03
CA PRO A 219 18.91 -3.73 9.71
C PRO A 219 18.34 -4.48 10.93
N LEU A 220 17.44 -3.86 11.69
CA LEU A 220 16.84 -4.51 12.85
C LEU A 220 16.11 -5.79 12.45
N LEU A 221 15.24 -5.69 11.45
CA LEU A 221 14.50 -6.83 10.96
C LEU A 221 15.35 -7.72 10.07
N GLY A 222 16.37 -7.15 9.43
CA GLY A 222 17.15 -7.92 8.48
C GLY A 222 18.08 -8.91 9.13
N ILE A 223 18.70 -8.52 10.25
CA ILE A 223 19.64 -9.40 10.94
C ILE A 223 19.01 -10.77 11.18
N THR A 224 17.84 -10.80 11.80
CA THR A 224 17.26 -12.06 12.25
C THR A 224 17.13 -13.06 11.08
N TYR A 225 17.01 -12.54 9.85
CA TYR A 225 16.84 -13.43 8.69
C TYR A 225 18.16 -14.01 8.20
N MET A 226 19.22 -13.23 8.20
CA MET A 226 20.54 -13.78 7.89
C MET A 226 21.01 -14.73 8.99
N LEU A 227 20.74 -14.41 10.27
CA LEU A 227 21.09 -15.33 11.36
C LEU A 227 20.47 -16.70 11.20
N ALA A 228 19.34 -16.77 10.50
CA ALA A 228 18.71 -18.07 10.28
C ALA A 228 19.53 -18.97 9.35
N PHE A 229 20.60 -18.46 8.73
CA PHE A 229 21.49 -19.26 7.91
C PHE A 229 22.83 -19.55 8.56
N VAL A 230 23.07 -19.10 9.79
CA VAL A 230 24.46 -19.02 10.25
C VAL A 230 25.06 -20.41 10.46
N ASN A 231 24.38 -21.26 11.26
CA ASN A 231 24.96 -22.52 11.71
C ASN A 231 26.23 -22.26 12.51
N PRO A 232 26.13 -21.76 13.75
CA PRO A 232 27.33 -21.25 14.44
C PRO A 232 28.31 -22.32 14.91
N GLY A 233 27.83 -23.38 15.54
CA GLY A 233 28.69 -24.46 16.00
C GLY A 233 28.43 -24.82 17.46
N GLU A 234 29.13 -25.88 17.89
CA GLU A 234 28.93 -26.45 19.22
C GLU A 234 29.81 -25.80 20.29
N ASP A 235 30.60 -24.79 19.92
CA ASP A 235 31.36 -24.01 20.90
C ASP A 235 30.41 -23.43 21.94
N GLU A 236 30.76 -23.56 23.23
CA GLU A 236 29.84 -23.21 24.30
C GLU A 236 29.51 -21.72 24.30
N VAL A 237 30.54 -20.87 24.30
CA VAL A 237 30.31 -19.43 24.41
C VAL A 237 29.62 -18.88 23.16
N SER A 238 30.07 -19.32 21.97
CA SER A 238 29.46 -18.84 20.72
C SER A 238 28.01 -19.30 20.58
N ARG A 239 27.71 -20.52 21.04
CA ARG A 239 26.35 -21.05 20.94
C ARG A 239 25.38 -20.29 21.83
N VAL A 240 25.76 -20.01 23.09
CA VAL A 240 24.84 -19.37 24.02
C VAL A 240 24.47 -17.98 23.55
N VAL A 241 25.46 -17.19 23.11
CA VAL A 241 25.17 -15.84 22.63
C VAL A 241 24.30 -15.91 21.39
N PHE A 242 24.58 -16.87 20.48
CA PHE A 242 23.77 -16.99 19.27
C PHE A 242 22.30 -17.21 19.61
N ILE A 243 22.02 -18.07 20.59
CA ILE A 243 20.63 -18.43 20.89
C ILE A 243 19.88 -17.26 21.56
N TYR A 244 20.53 -16.50 22.44
CA TYR A 244 19.85 -15.42 23.16
C TYR A 244 19.58 -14.21 22.27
N PHE A 245 20.57 -13.81 21.50
CA PHE A 245 20.41 -12.66 20.60
C PHE A 245 19.28 -12.92 19.59
N ASN A 246 19.31 -14.11 18.98
CA ASN A 246 18.29 -14.46 17.99
C ASN A 246 16.90 -14.53 18.62
N ALA A 247 16.79 -15.01 19.87
CA ALA A 247 15.47 -15.09 20.54
C ALA A 247 14.95 -13.71 20.93
N PHE A 248 15.84 -12.80 21.32
CA PHE A 248 15.41 -11.43 21.59
C PHE A 248 14.97 -10.71 20.31
N LEU A 249 15.63 -10.96 19.18
CA LEU A 249 15.28 -10.25 17.95
C LEU A 249 13.96 -10.74 17.37
N GLU A 250 13.71 -12.05 17.40
CA GLU A 250 12.47 -12.54 16.82
C GLU A 250 11.25 -12.14 17.62
N SER A 251 11.34 -12.17 18.95
CA SER A 251 10.17 -11.95 19.80
C SER A 251 9.76 -10.48 19.87
N PHE A 252 10.72 -9.56 19.88
CA PHE A 252 10.41 -8.14 19.96
C PHE A 252 10.13 -7.52 18.60
N GLN A 253 10.08 -8.36 17.57
CA GLN A 253 9.90 -7.87 16.21
C GLN A 253 8.59 -7.07 16.07
N GLY A 254 7.47 -7.62 16.55
CA GLY A 254 6.20 -6.90 16.45
C GLY A 254 6.22 -5.60 17.21
N PHE A 255 6.92 -5.56 18.34
CA PHE A 255 7.14 -4.31 19.06
C PHE A 255 7.87 -3.30 18.18
N PHE A 256 8.92 -3.72 17.51
CA PHE A 256 9.60 -2.84 16.58
C PHE A 256 8.60 -2.26 15.56
N VAL A 257 7.74 -3.13 15.00
CA VAL A 257 6.83 -2.69 13.94
C VAL A 257 5.83 -1.68 14.47
N SER A 258 5.33 -1.87 15.70
CA SER A 258 4.32 -0.97 16.24
C SER A 258 4.87 0.44 16.45
N VAL A 259 6.13 0.54 16.88
CA VAL A 259 6.78 1.85 16.98
C VAL A 259 6.90 2.46 15.60
N PHE A 260 7.40 1.67 14.65
CA PHE A 260 7.48 2.09 13.25
C PHE A 260 6.14 2.67 12.77
N ALA A 261 5.05 1.95 13.02
CA ALA A 261 3.74 2.36 12.50
C ALA A 261 3.24 3.63 13.18
N CYS A 262 3.38 3.74 14.50
CA CYS A 262 2.85 4.92 15.17
C CYS A 262 3.67 6.18 14.83
N PHE A 263 4.97 6.01 14.61
CA PHE A 263 5.84 7.12 14.20
C PHE A 263 5.36 7.72 12.88
N LEU A 264 4.92 6.88 11.94
CA LEU A 264 4.40 7.32 10.65
C LEU A 264 3.06 8.02 10.75
N ASN A 265 2.38 7.90 11.88
CA ASN A 265 1.10 8.57 12.05
C ASN A 265 1.27 10.08 12.11
N SER A 266 2.47 10.57 12.41
CA SER A 266 2.72 12.00 12.52
C SER A 266 2.55 12.75 11.19
N ASN B 1 -3.53 14.29 -5.50
CA ASN B 1 -4.36 13.14 -5.87
C ASN B 1 -5.26 13.36 -7.06
N ILE B 2 -5.27 14.61 -7.56
CA ILE B 2 -6.19 15.01 -8.61
C ILE B 2 -5.99 14.13 -9.84
N PHE B 3 -4.73 13.79 -10.14
CA PHE B 3 -4.47 12.86 -11.22
C PHE B 3 -5.08 11.49 -10.92
N GLU B 4 -4.96 11.03 -9.67
CA GLU B 4 -5.62 9.77 -9.31
C GLU B 4 -7.13 9.92 -9.39
N MET B 5 -7.66 11.05 -8.92
CA MET B 5 -9.11 11.31 -8.94
C MET B 5 -9.68 11.14 -10.35
N LEU B 6 -9.08 11.82 -11.32
CA LEU B 6 -9.63 11.83 -12.67
C LEU B 6 -9.35 10.53 -13.41
N ARG B 7 -8.21 9.90 -13.13
CA ARG B 7 -7.95 8.58 -13.70
C ARG B 7 -9.05 7.59 -13.33
N ILE B 8 -9.57 7.70 -12.10
CA ILE B 8 -10.66 6.85 -11.65
C ILE B 8 -11.93 7.10 -12.44
N ASP B 9 -12.51 8.32 -12.34
CA ASP B 9 -13.86 8.46 -12.88
C ASP B 9 -13.87 8.87 -14.35
N GLU B 10 -12.74 9.31 -14.91
CA GLU B 10 -12.77 9.62 -16.33
C GLU B 10 -12.14 8.50 -17.16
N GLY B 11 -10.93 8.04 -16.82
CA GLY B 11 -10.26 6.98 -17.59
C GLY B 11 -8.87 7.31 -18.13
N LEU B 12 -8.03 6.31 -18.36
CA LEU B 12 -6.64 6.53 -18.79
C LEU B 12 -6.26 5.52 -19.87
N ARG B 13 -5.84 6.04 -21.04
CA ARG B 13 -5.44 5.26 -22.19
C ARG B 13 -4.10 5.80 -22.69
N LEU B 14 -3.14 4.91 -23.02
CA LEU B 14 -1.77 5.32 -23.30
C LEU B 14 -1.32 5.15 -24.75
N LYS B 15 -2.21 4.75 -25.67
CA LYS B 15 -1.95 4.82 -27.10
C LYS B 15 -3.09 5.56 -27.79
N ILE B 16 -2.78 6.21 -28.93
CA ILE B 16 -3.70 7.15 -29.57
C ILE B 16 -5.01 6.46 -29.94
N TYR B 17 -6.15 7.07 -29.53
CA TYR B 17 -7.49 6.64 -29.91
C TYR B 17 -8.28 7.80 -30.52
N LYS B 18 -9.44 7.49 -31.08
CA LYS B 18 -10.30 8.44 -31.77
C LYS B 18 -11.65 8.50 -31.05
N ASP B 19 -12.15 9.71 -30.81
CA ASP B 19 -13.35 9.88 -30.00
C ASP B 19 -14.63 9.70 -30.84
N THR B 20 -15.80 9.82 -30.19
CA THR B 20 -17.05 9.58 -30.89
C THR B 20 -17.15 10.45 -32.14
N GLU B 21 -16.66 11.69 -32.10
CA GLU B 21 -16.69 12.57 -33.25
C GLU B 21 -15.58 12.30 -34.28
N GLY B 22 -14.52 11.58 -33.90
CA GLY B 22 -13.53 11.12 -34.85
C GLY B 22 -12.17 11.81 -34.84
N TYR B 23 -11.87 12.61 -33.83
CA TYR B 23 -10.56 13.24 -33.75
C TYR B 23 -9.60 12.37 -32.93
N TYR B 24 -8.33 12.77 -32.93
CA TYR B 24 -7.26 12.01 -32.27
C TYR B 24 -7.00 12.54 -30.86
N THR B 25 -7.07 11.65 -29.87
CA THR B 25 -6.94 12.02 -28.47
C THR B 25 -6.03 11.01 -27.76
N ILE B 26 -5.65 11.33 -26.52
CA ILE B 26 -4.69 10.52 -25.76
C ILE B 26 -4.83 10.85 -24.26
N GLY B 27 -4.61 9.83 -23.42
CA GLY B 27 -4.41 10.05 -21.98
C GLY B 27 -5.70 10.04 -21.17
N ILE B 28 -5.80 11.01 -20.26
CA ILE B 28 -7.13 11.45 -19.74
C ILE B 28 -7.62 12.56 -20.66
N GLY B 29 -8.18 12.15 -21.79
CA GLY B 29 -8.93 13.04 -22.65
C GLY B 29 -8.21 14.25 -23.22
N HIS B 30 -6.96 14.06 -23.67
CA HIS B 30 -6.24 15.12 -24.36
C HIS B 30 -6.47 15.00 -25.86
N LEU B 31 -7.19 15.97 -26.44
CA LEU B 31 -7.38 16.05 -27.88
C LEU B 31 -6.11 16.54 -28.53
N LEU B 32 -5.59 15.75 -29.50
CA LEU B 32 -4.35 16.10 -30.21
C LEU B 32 -4.58 17.03 -31.41
N THR B 33 -5.51 16.68 -32.30
CA THR B 33 -5.85 17.53 -33.45
C THR B 33 -7.20 17.12 -34.01
N LYS B 34 -7.90 18.10 -34.57
CA LYS B 34 -9.15 17.84 -35.29
C LYS B 34 -8.90 17.35 -36.71
N SER B 35 -7.64 17.37 -37.15
CA SER B 35 -7.30 17.00 -38.53
C SER B 35 -7.45 15.49 -38.72
N PRO B 36 -7.92 15.06 -39.90
CA PRO B 36 -8.01 13.60 -40.15
C PRO B 36 -6.67 12.91 -40.15
N SER B 37 -5.61 13.59 -40.60
CA SER B 37 -4.32 12.93 -40.76
C SER B 37 -3.80 12.45 -39.41
N LEU B 38 -3.42 11.17 -39.35
CA LEU B 38 -2.77 10.66 -38.14
C LEU B 38 -1.40 11.31 -37.96
N SER B 39 -0.74 11.63 -39.06
CA SER B 39 0.58 12.22 -38.98
C SER B 39 0.61 13.43 -38.05
N VAL B 40 -0.30 14.38 -38.28
CA VAL B 40 -0.32 15.60 -37.47
C VAL B 40 -0.61 15.30 -36.00
N ALA B 41 -1.39 14.25 -35.72
CA ALA B 41 -1.64 13.85 -34.34
C ALA B 41 -0.36 13.41 -33.64
N LYS B 42 0.50 12.67 -34.35
CA LYS B 42 1.79 12.26 -33.79
C LYS B 42 2.73 13.46 -33.61
N SER B 43 2.73 14.38 -34.59
CA SER B 43 3.62 15.55 -34.50
C SER B 43 3.20 16.48 -33.37
N GLU B 44 1.92 16.84 -33.32
CA GLU B 44 1.43 17.63 -32.20
C GLU B 44 1.79 16.95 -30.89
N LEU B 45 1.79 15.61 -30.88
CA LEU B 45 2.24 14.86 -29.71
C LEU B 45 3.74 15.05 -29.47
N ASP B 46 4.54 15.02 -30.53
CA ASP B 46 5.99 15.13 -30.36
C ASP B 46 6.41 16.44 -29.72
N LYS B 47 5.81 17.55 -30.18
CA LYS B 47 6.14 18.86 -29.61
C LYS B 47 5.80 18.91 -28.13
N ALA B 48 4.65 18.33 -27.75
CA ALA B 48 4.30 18.24 -26.34
C ALA B 48 5.22 17.27 -25.59
N ILE B 49 5.37 16.04 -26.09
CA ILE B 49 6.13 15.04 -25.32
C ILE B 49 7.60 15.42 -25.21
N GLY B 50 8.16 16.09 -26.22
CA GLY B 50 9.56 16.45 -26.17
C GLY B 50 10.46 15.24 -26.06
N ARG B 51 10.07 14.15 -26.71
CA ARG B 51 10.79 12.88 -26.69
C ARG B 51 10.44 12.17 -27.99
N ASN B 52 10.69 10.87 -28.04
CA ASN B 52 10.35 10.09 -29.22
C ASN B 52 8.89 10.29 -29.58
N SER B 53 8.62 10.62 -30.85
CA SER B 53 7.25 10.79 -31.33
C SER B 53 6.71 9.42 -31.71
N ASN B 54 5.79 8.91 -30.90
CA ASN B 54 5.22 7.59 -31.15
C ASN B 54 3.80 7.56 -30.60
N GLY B 55 3.05 6.54 -31.02
CA GLY B 55 1.68 6.39 -30.57
C GLY B 55 1.58 6.16 -29.08
N VAL B 56 2.51 5.38 -28.52
CA VAL B 56 2.54 5.08 -27.09
C VAL B 56 3.34 6.16 -26.35
N ILE B 57 2.89 6.50 -25.14
CA ILE B 57 3.56 7.50 -24.31
C ILE B 57 3.80 6.89 -22.94
N THR B 58 4.56 7.63 -22.14
CA THR B 58 4.87 7.21 -20.77
C THR B 58 3.74 7.62 -19.82
N LYS B 59 3.39 6.71 -18.88
CA LYS B 59 2.39 7.05 -17.87
C LYS B 59 2.75 8.34 -17.17
N ASP B 60 4.06 8.57 -16.96
CA ASP B 60 4.53 9.87 -16.51
C ASP B 60 4.22 10.94 -17.54
N GLU B 61 4.40 10.63 -18.83
CA GLU B 61 4.06 11.59 -19.87
C GLU B 61 2.58 11.97 -19.80
N ALA B 62 1.72 10.98 -19.53
CA ALA B 62 0.29 11.26 -19.40
C ALA B 62 0.00 12.28 -18.29
N GLU B 63 0.71 12.18 -17.16
CA GLU B 63 0.51 13.14 -16.08
C GLU B 63 1.03 14.53 -16.45
N LYS B 64 2.04 14.61 -17.33
CA LYS B 64 2.50 15.94 -17.73
C LYS B 64 1.52 16.58 -18.72
N LEU B 65 0.93 15.79 -19.64
CA LEU B 65 -0.20 16.27 -20.44
C LEU B 65 -1.43 16.54 -19.59
N PHE B 66 -1.72 15.65 -18.62
CA PHE B 66 -2.83 15.93 -17.72
C PHE B 66 -2.63 17.26 -17.04
N ASN B 67 -1.40 17.54 -16.61
CA ASN B 67 -1.14 18.80 -15.93
C ASN B 67 -1.45 19.98 -16.85
N GLN B 68 -1.10 19.85 -18.13
CA GLN B 68 -1.36 20.92 -19.10
C GLN B 68 -2.85 21.25 -19.17
N ASP B 69 -3.69 20.23 -19.24
CA ASP B 69 -5.13 20.43 -19.30
C ASP B 69 -5.67 21.00 -18.00
N VAL B 70 -5.14 20.52 -16.86
CA VAL B 70 -5.54 21.09 -15.58
C VAL B 70 -5.23 22.59 -15.56
N ASP B 71 -4.11 22.99 -16.18
CA ASP B 71 -3.78 24.41 -16.29
C ASP B 71 -4.84 25.20 -17.06
N ALA B 72 -5.21 24.73 -18.25
CA ALA B 72 -6.20 25.43 -19.08
C ALA B 72 -7.58 25.43 -18.44
N ALA B 73 -7.92 24.37 -17.70
CA ALA B 73 -9.22 24.35 -17.02
C ALA B 73 -9.27 25.41 -15.93
N VAL B 74 -8.16 25.66 -15.24
CA VAL B 74 -8.15 26.68 -14.18
C VAL B 74 -8.18 28.08 -14.78
N ARG B 75 -7.52 28.27 -15.93
CA ARG B 75 -7.62 29.55 -16.63
C ARG B 75 -9.06 29.82 -17.04
N GLY B 76 -9.77 28.79 -17.50
CA GLY B 76 -11.18 28.94 -17.81
C GLY B 76 -12.05 29.24 -16.60
N ILE B 77 -11.80 28.55 -15.48
CA ILE B 77 -12.58 28.80 -14.27
C ILE B 77 -12.44 30.26 -13.86
N LEU B 78 -11.21 30.76 -13.81
CA LEU B 78 -10.98 32.09 -13.28
C LEU B 78 -11.53 33.19 -14.19
N ARG B 79 -11.75 32.89 -15.48
CA ARG B 79 -12.35 33.90 -16.34
C ARG B 79 -13.86 33.97 -16.18
N ASN B 80 -14.48 32.93 -15.61
CA ASN B 80 -15.93 32.89 -15.45
C ASN B 80 -16.35 33.60 -14.16
N ALA B 81 -17.34 34.48 -14.25
CA ALA B 81 -17.66 35.41 -13.15
C ALA B 81 -18.60 34.78 -12.13
N LYS B 82 -19.29 33.71 -12.49
CA LYS B 82 -19.99 32.94 -11.49
C LYS B 82 -19.05 31.89 -10.89
N LEU B 83 -18.17 31.31 -11.70
CA LEU B 83 -17.29 30.25 -11.17
C LEU B 83 -16.19 30.81 -10.28
N LYS B 84 -15.66 32.00 -10.59
CA LYS B 84 -14.47 32.45 -9.88
C LYS B 84 -14.68 32.63 -8.38
N PRO B 85 -15.67 33.38 -7.89
CA PRO B 85 -15.77 33.61 -6.44
C PRO B 85 -15.99 32.35 -5.60
N VAL B 86 -16.60 31.31 -6.17
CA VAL B 86 -16.77 30.06 -5.43
C VAL B 86 -15.43 29.32 -5.31
N TYR B 87 -14.58 29.45 -6.33
CA TYR B 87 -13.30 28.72 -6.36
C TYR B 87 -12.33 29.24 -5.30
N ASP B 88 -12.17 30.57 -5.19
CA ASP B 88 -11.23 31.11 -4.20
C ASP B 88 -11.65 30.79 -2.76
N SER B 89 -12.97 30.81 -2.49
CA SER B 89 -13.46 30.47 -1.17
C SER B 89 -13.32 28.99 -0.86
N LEU B 90 -13.18 28.13 -1.86
CA LEU B 90 -13.00 26.72 -1.60
C LEU B 90 -11.54 26.41 -1.30
N ASP B 91 -11.35 25.25 -0.66
CA ASP B 91 -10.06 24.68 -0.31
C ASP B 91 -9.63 23.73 -1.43
N ALA B 92 -8.51 23.06 -1.22
CA ALA B 92 -7.91 22.27 -2.29
C ALA B 92 -8.76 21.06 -2.67
N VAL B 93 -9.22 20.27 -1.68
CA VAL B 93 -9.97 19.06 -2.03
C VAL B 93 -11.26 19.44 -2.73
N ARG B 94 -11.84 20.59 -2.36
CA ARG B 94 -13.05 21.03 -3.00
C ARG B 94 -12.80 21.62 -4.39
N ARG B 95 -11.64 22.26 -4.61
CA ARG B 95 -11.28 22.71 -5.96
C ARG B 95 -11.18 21.54 -6.93
N SER B 96 -10.57 20.43 -6.49
CA SER B 96 -10.43 19.30 -7.39
C SER B 96 -11.79 18.84 -7.87
N ALA B 97 -12.76 18.78 -6.96
CA ALA B 97 -14.10 18.38 -7.29
C ALA B 97 -14.80 19.38 -8.22
N LEU B 98 -14.41 20.66 -8.18
CA LEU B 98 -14.87 21.65 -9.12
C LEU B 98 -14.26 21.44 -10.52
N ILE B 99 -12.95 21.14 -10.56
CA ILE B 99 -12.25 20.82 -11.80
C ILE B 99 -12.76 19.51 -12.38
N ASN B 100 -12.96 18.52 -11.53
CA ASN B 100 -13.55 17.27 -11.97
C ASN B 100 -14.82 17.55 -12.76
N MET B 101 -15.67 18.43 -12.22
CA MET B 101 -16.92 18.79 -12.89
C MET B 101 -16.71 19.49 -14.22
N VAL B 102 -15.73 20.39 -14.30
CA VAL B 102 -15.45 21.09 -15.56
C VAL B 102 -14.95 20.12 -16.62
N PHE B 103 -14.04 19.21 -16.24
CA PHE B 103 -13.58 18.19 -17.18
C PHE B 103 -14.75 17.46 -17.81
N GLN B 104 -15.81 17.25 -17.01
CA GLN B 104 -16.97 16.52 -17.49
C GLN B 104 -17.95 17.42 -18.29
N MET B 105 -18.27 18.65 -17.82
CA MET B 105 -19.30 19.43 -18.50
C MET B 105 -18.84 20.80 -19.05
N GLY B 106 -17.59 21.19 -18.91
CA GLY B 106 -17.17 22.52 -19.32
C GLY B 106 -17.54 23.59 -18.30
N GLU B 107 -16.88 24.75 -18.44
CA GLU B 107 -17.10 25.85 -17.49
C GLU B 107 -18.54 26.35 -17.55
N THR B 108 -19.11 26.30 -18.74
CA THR B 108 -20.47 26.72 -19.00
C THR B 108 -21.50 25.88 -18.25
N GLY B 109 -21.33 24.55 -18.24
CA GLY B 109 -22.27 23.68 -17.53
C GLY B 109 -22.25 23.88 -16.02
N VAL B 110 -21.06 24.02 -15.44
CA VAL B 110 -21.00 24.10 -13.98
C VAL B 110 -21.63 25.40 -13.51
N ALA B 111 -21.58 26.44 -14.36
CA ALA B 111 -22.25 27.72 -14.14
C ALA B 111 -23.78 27.60 -14.07
N GLY B 112 -24.38 26.57 -14.67
CA GLY B 112 -25.81 26.35 -14.53
C GLY B 112 -26.28 25.98 -13.13
N PHE B 113 -25.39 25.46 -12.28
CA PHE B 113 -25.81 25.00 -10.95
C PHE B 113 -25.80 26.17 -9.95
N THR B 114 -26.70 27.15 -10.22
CA THR B 114 -26.62 28.47 -9.56
C THR B 114 -26.93 28.39 -8.06
N ASN B 115 -27.91 27.59 -7.64
CA ASN B 115 -28.12 27.46 -6.20
C ASN B 115 -26.92 26.80 -5.52
N SER B 116 -26.48 25.63 -6.02
CA SER B 116 -25.43 24.90 -5.31
C SER B 116 -24.18 25.77 -5.11
N LEU B 117 -23.86 26.65 -6.06
CA LEU B 117 -22.64 27.45 -5.94
C LEU B 117 -22.72 28.44 -4.78
N ARG B 118 -23.87 29.09 -4.61
CA ARG B 118 -24.03 30.03 -3.49
C ARG B 118 -24.00 29.27 -2.16
N MET B 119 -24.47 28.02 -2.14
CA MET B 119 -24.35 27.16 -0.96
C MET B 119 -22.89 26.81 -0.64
N LEU B 120 -22.12 26.39 -1.66
CA LEU B 120 -20.71 26.05 -1.46
C LEU B 120 -19.92 27.26 -0.98
N GLN B 121 -20.20 28.43 -1.57
CA GLN B 121 -19.54 29.66 -1.16
C GLN B 121 -19.93 30.12 0.24
N GLN B 122 -21.07 29.67 0.77
CA GLN B 122 -21.46 29.99 2.15
C GLN B 122 -21.05 28.90 3.16
N LYS B 123 -20.23 27.93 2.75
CA LYS B 123 -19.83 26.79 3.57
C LYS B 123 -21.00 25.89 3.92
N ARG B 124 -22.18 26.10 3.33
CA ARG B 124 -23.36 25.30 3.64
C ARG B 124 -23.31 23.99 2.84
N TRP B 125 -22.36 23.14 3.24
CA TRP B 125 -22.03 21.96 2.46
C TRP B 125 -23.13 20.92 2.47
N ASP B 126 -23.89 20.82 3.56
CA ASP B 126 -24.99 19.85 3.54
C ASP B 126 -26.10 20.32 2.60
N GLU B 127 -26.36 21.62 2.52
CA GLU B 127 -27.44 22.08 1.64
C GLU B 127 -27.09 21.89 0.16
N ALA B 128 -25.81 22.03 -0.20
CA ALA B 128 -25.43 21.97 -1.61
C ALA B 128 -25.61 20.58 -2.20
N ALA B 129 -25.39 19.52 -1.41
CA ALA B 129 -25.45 18.14 -1.90
C ALA B 129 -26.86 17.73 -2.29
N VAL B 130 -27.88 18.26 -1.62
CA VAL B 130 -29.24 18.02 -2.08
C VAL B 130 -29.51 18.73 -3.40
N ASN B 131 -28.97 19.95 -3.56
CA ASN B 131 -29.20 20.69 -4.82
C ASN B 131 -28.64 19.93 -6.02
N LEU B 132 -27.40 19.44 -5.92
CA LEU B 132 -26.71 18.85 -7.06
C LEU B 132 -27.21 17.45 -7.37
N ALA B 133 -27.99 16.86 -6.48
CA ALA B 133 -28.53 15.54 -6.78
C ALA B 133 -29.89 15.62 -7.48
N LYS B 134 -30.61 16.72 -7.29
CA LYS B 134 -31.80 17.02 -8.08
C LYS B 134 -31.31 17.65 -9.39
N SER B 135 -30.79 16.78 -10.26
CA SER B 135 -30.22 17.26 -11.51
C SER B 135 -30.04 16.09 -12.48
N ARG B 136 -30.24 16.39 -13.77
CA ARG B 136 -30.09 15.40 -14.83
C ARG B 136 -28.67 14.82 -14.89
N TRP B 137 -27.66 15.57 -14.42
CA TRP B 137 -26.28 15.10 -14.36
C TRP B 137 -26.14 13.91 -13.42
N TYR B 138 -26.77 14.02 -12.24
CA TYR B 138 -26.75 12.94 -11.27
C TYR B 138 -27.44 11.70 -11.82
N ASN B 139 -28.52 11.88 -12.58
CA ASN B 139 -29.22 10.76 -13.21
C ASN B 139 -28.43 10.12 -14.35
N GLN B 140 -27.52 10.86 -14.98
CA GLN B 140 -26.91 10.30 -16.17
C GLN B 140 -25.62 9.54 -15.86
N THR B 141 -24.82 10.04 -14.90
CA THR B 141 -23.62 9.36 -14.39
C THR B 141 -23.66 9.36 -12.86
N PRO B 142 -24.49 8.52 -12.27
CA PRO B 142 -24.64 8.52 -10.81
C PRO B 142 -23.39 8.14 -10.04
N ASN B 143 -22.59 7.19 -10.52
CA ASN B 143 -21.50 6.73 -9.68
C ASN B 143 -20.43 7.80 -9.55
N ARG B 144 -20.12 8.47 -10.66
CA ARG B 144 -19.24 9.63 -10.61
C ARG B 144 -19.85 10.76 -9.77
N ALA B 145 -21.16 11.04 -9.94
CA ALA B 145 -21.75 12.20 -9.26
C ALA B 145 -21.72 12.04 -7.74
N LYS B 146 -22.04 10.83 -7.26
CA LYS B 146 -21.96 10.55 -5.82
C LYS B 146 -20.55 10.72 -5.27
N ARG B 147 -19.51 10.35 -6.03
CA ARG B 147 -18.15 10.56 -5.52
C ARG B 147 -17.83 12.05 -5.38
N VAL B 148 -18.10 12.83 -6.45
CA VAL B 148 -17.80 14.27 -6.49
C VAL B 148 -18.56 15.00 -5.40
N ILE B 149 -19.85 14.65 -5.23
CA ILE B 149 -20.68 15.31 -4.24
C ILE B 149 -20.12 15.07 -2.82
N ALA B 150 -19.73 13.84 -2.51
CA ALA B 150 -19.20 13.54 -1.17
C ALA B 150 -17.92 14.32 -0.85
N THR B 151 -17.04 14.47 -1.85
CA THR B 151 -15.86 15.31 -1.67
C THR B 151 -16.25 16.75 -1.31
N PHE B 152 -17.27 17.29 -1.98
CA PHE B 152 -17.73 18.64 -1.63
C PHE B 152 -18.18 18.69 -0.17
N ARG B 153 -19.01 17.72 0.24
CA ARG B 153 -19.63 17.78 1.58
C ARG B 153 -18.61 17.58 2.71
N THR B 154 -17.63 16.70 2.53
CA THR B 154 -16.67 16.43 3.61
C THR B 154 -15.32 17.11 3.41
N GLY B 155 -14.95 17.43 2.16
CA GLY B 155 -13.63 17.97 1.88
C GLY B 155 -12.49 17.01 2.09
N THR B 156 -12.71 15.69 1.91
CA THR B 156 -11.66 14.68 2.01
C THR B 156 -11.67 13.80 0.76
N TRP B 157 -10.68 12.89 0.72
CA TRP B 157 -10.54 11.96 -0.40
C TRP B 157 -11.15 10.58 -0.10
N ASP B 158 -11.80 10.43 1.05
CA ASP B 158 -12.29 9.13 1.48
C ASP B 158 -13.03 8.36 0.40
N ALA B 159 -13.63 9.06 -0.55
CA ALA B 159 -14.51 8.43 -1.53
C ALA B 159 -13.76 7.78 -2.68
N TYR B 160 -12.53 8.19 -2.95
CA TYR B 160 -11.94 7.79 -4.23
C TYR B 160 -11.05 6.52 -4.12
C7 CW9 C . 9.71 -6.19 2.52
C CW9 C . 14.44 -7.91 5.53
C5 CW9 C . 8.65 -8.52 9.17
C10 CW9 C . 11.55 -3.19 5.47
C14 CW9 C . 8.33 -0.29 4.68
C15 CW9 C . 9.93 -0.12 2.31
C11 CW9 C . 12.15 -2.05 6.31
C6 CW9 C . 10.39 -6.50 4.73
C4 CW9 C . 8.79 -9.14 6.92
C1 CW9 C . 12.74 -7.02 6.90
N CW9 C . 10.48 -7.46 5.90
C3 CW9 C . 9.77 -8.76 5.75
C9 CW9 C . 11.13 -3.15 4.13
C13 CW9 C . 10.02 -1.15 3.21
C12 CW9 C . 11.10 -2.00 3.13
C8 CW9 C . 10.64 -4.43 3.77
C2 CW9 C . 11.21 -7.14 7.14
O1 CW9 C . 8.60 -8.08 7.83
O CW9 C . 13.10 -8.03 5.97
N1 CW9 C . 9.87 -6.97 3.60
N2 CW9 C . 10.11 -4.91 2.60
N3 CW9 C . 11.33 -4.45 5.90
N4 CW9 C . 10.78 -5.19 4.82
O2 CW9 C . 9.06 -1.39 4.22
C16 CW9 C . 10.90 0.03 1.34
BR CW9 C . 10.69 1.53 0.10
C17 CW9 C . 11.99 -0.84 1.26
C18 CW9 C . 12.09 -1.89 2.17
O3 CW9 C . 13.16 -2.79 2.15
C19 CW9 C . 13.82 -2.90 0.90
C20 CW9 C . 9.12 -6.83 1.27
H1 CW9 C . 14.95 -7.43 6.21
H2 CW9 C . 14.45 -7.41 4.70
H3 CW9 C . 14.82 -8.79 5.40
H4 CW9 C . 8.06 -9.28 9.29
H5 CW9 C . 8.36 -7.80 9.75
H6 CW9 C . 9.56 -8.76 9.40
H7 CW9 C . 7.97 -0.48 5.56
H8 CW9 C . 7.59 -0.12 4.07
H9 CW9 C . 8.89 0.49 4.72
H10 CW9 C . 9.21 0.47 2.35
H11 CW9 C . 12.71 -2.43 7.00
H12 CW9 C . 11.43 -1.54 6.72
H13 CW9 C . 12.67 -1.48 5.73
H14 CW9 C . 9.16 -9.90 7.39
H15 CW9 C . 7.93 -9.38 6.53
H16 CW9 C . 12.94 -6.14 6.53
H17 CW9 C . 13.22 -7.15 7.72
H18 CW9 C . 10.43 -9.46 5.67
H19 CW9 C . 9.25 -8.72 4.93
H20 CW9 C . 11.05 -7.84 7.80
H21 CW9 C . 10.89 -6.30 7.50
H22 CW9 C . 12.65 -0.72 0.62
H23 CW9 C . 14.40 -3.68 0.92
H24 CW9 C . 13.14 -3.01 0.20
H25 CW9 C . 14.33 -2.11 0.72
H26 CW9 C . 8.26 -6.41 1.07
H27 CW9 C . 9.72 -6.70 0.51
H28 CW9 C . 8.98 -7.77 1.41
#